data_5L0S
#
_entry.id   5L0S
#
_cell.length_a   70.580
_cell.length_b   76.920
_cell.length_c   82.550
_cell.angle_alpha   90.000
_cell.angle_beta   90.000
_cell.angle_gamma   90.000
#
_symmetry.space_group_name_H-M   'P 21 21 21'
#
loop_
_entity.id
_entity.type
_entity.pdbx_description
1 polymer 'Protein O-glucosyltransferase 1'
2 polymer 'Coagulation factor VII'
3 non-polymer 2-acetamido-2-deoxy-beta-D-glucopyranose
4 non-polymer "URIDINE-5'-DIPHOSPHATE"
5 non-polymer 'CHLORIDE ION'
6 non-polymer GLYCEROL
7 non-polymer 'CALCIUM ION'
8 water water
#
loop_
_entity_poly.entity_id
_entity_poly.type
_entity_poly.pdbx_seq_one_letter_code
_entity_poly.pdbx_strand_id
1 'polypeptide(L)'
;GSKWKVFIDQINRSLENYEPCSSQNCSCYHGVIEEDLTPFRGGISRKMMAEVVRRKLGTHYQITKNRLYRENDCMFPSRC
SGVEHFILEVIGRLPDMEMVINVRDYPQVPKWMEPAIPVFSFSKTSEYHDIMYPAWTFWEGGPAVWPIYPTGLGRWDLFR
EDLVRSAAQWPWKKKNSTAYFRGSRTSPERDPLILLSRKNPKLVDAEYTKNQAWKSMKDTLGKPAAKDVHLVDHCKYKYL
FNFRGVAASFRFKHLFLCGSLVFHVGDEWLEFFYPQLKPWVHYIPVKTDLSNVQELLQFVKANDDVAQEIAERGSQFIRN
HLQMDDITCYWENLLSEYSKFLSYNVTRRKGYDQIIP
;
A
2 'polypeptide(L)' GSDGDQCASSPCQNGGSCKDQLQSYICFCLPAFEGRNCETHK B
#
# COMPACT_ATOMS: atom_id res chain seq x y z
C SER A 2 10.11 32.46 13.70
N LYS A 3 10.83 31.87 14.65
CA LYS A 3 11.74 30.77 14.37
C LYS A 3 11.11 29.73 13.43
N TRP A 4 9.84 29.44 13.64
CA TRP A 4 9.13 28.43 12.88
C TRP A 4 8.25 29.03 11.78
N LYS A 5 8.46 30.31 11.46
CA LYS A 5 7.61 30.98 10.48
C LYS A 5 7.56 30.24 9.15
N VAL A 6 8.70 29.71 8.69
CA VAL A 6 8.72 29.03 7.40
C VAL A 6 7.70 27.89 7.38
N PHE A 7 7.66 27.10 8.45
CA PHE A 7 6.75 25.95 8.49
C PHE A 7 5.31 26.38 8.69
N ILE A 8 5.08 27.36 9.58
CA ILE A 8 3.73 27.87 9.81
C ILE A 8 3.14 28.42 8.52
N ASP A 9 3.95 29.21 7.79
CA ASP A 9 3.47 29.78 6.54
C ASP A 9 3.20 28.70 5.52
N GLN A 10 4.00 27.64 5.52
CA GLN A 10 3.81 26.53 4.60
C GLN A 10 2.48 25.82 4.87
N ILE A 11 2.19 25.55 6.14
CA ILE A 11 0.93 24.96 6.52
C ILE A 11 -0.23 25.86 6.11
N ASN A 12 -0.11 27.17 6.41
CA ASN A 12 -1.11 28.14 5.98
C ASN A 12 -1.37 28.07 4.48
N ARG A 13 -0.29 28.07 3.69
CA ARG A 13 -0.42 28.01 2.23
C ARG A 13 -1.06 26.70 1.77
N SER A 14 -0.61 25.58 2.34
CA SER A 14 -1.18 24.30 1.98
C SER A 14 -2.66 24.26 2.29
N LEU A 15 -3.07 24.83 3.43
CA LEU A 15 -4.49 24.81 3.79
C LEU A 15 -5.30 25.75 2.91
N GLU A 16 -4.71 26.89 2.55
CA GLU A 16 -5.41 27.83 1.67
C GLU A 16 -5.65 27.22 0.30
N ASN A 17 -4.77 26.33 -0.13
CA ASN A 17 -4.86 25.66 -1.41
C ASN A 17 -5.64 24.36 -1.36
N TYR A 18 -5.98 23.89 -0.17
CA TYR A 18 -6.63 22.61 -0.02
C TYR A 18 -8.11 22.68 -0.38
N GLU A 19 -8.56 21.73 -1.20
CA GLU A 19 -9.96 21.57 -1.55
C GLU A 19 -10.45 20.27 -0.94
N PRO A 20 -11.15 20.31 0.18
CA PRO A 20 -11.57 19.07 0.83
C PRO A 20 -12.49 18.28 -0.06
N CYS A 21 -12.45 16.96 0.10
CA CYS A 21 -13.40 16.09 -0.57
C CYS A 21 -14.65 15.99 0.27
N SER A 22 -15.77 16.43 -0.28
CA SER A 22 -17.05 16.38 0.44
C SER A 22 -17.86 15.13 0.09
N SER A 23 -17.37 14.31 -0.82
CA SER A 23 -18.16 13.21 -1.33
C SER A 23 -18.37 12.13 -0.29
N GLN A 24 -19.49 11.44 -0.41
CA GLN A 24 -19.77 10.22 0.32
C GLN A 24 -19.29 8.97 -0.41
N ASN A 25 -18.70 9.12 -1.59
CA ASN A 25 -18.26 7.98 -2.39
C ASN A 25 -16.82 8.19 -2.85
N CYS A 26 -16.31 7.28 -3.65
CA CYS A 26 -14.91 7.29 -4.02
C CYS A 26 -14.57 8.32 -5.10
N SER A 27 -15.52 9.18 -5.46
CA SER A 27 -15.25 10.24 -6.43
C SER A 27 -14.07 11.11 -6.02
N CYS A 28 -13.70 11.16 -4.73
CA CYS A 28 -12.52 11.88 -4.31
C CYS A 28 -11.29 11.50 -5.10
N TYR A 29 -11.24 10.26 -5.59
CA TYR A 29 -10.07 9.72 -6.27
C TYR A 29 -10.23 9.72 -7.78
N HIS A 30 -11.28 10.32 -8.33
N HIS A 30 -11.29 10.35 -8.31
CA HIS A 30 -11.50 10.13 -9.76
CA HIS A 30 -11.57 10.27 -9.74
C HIS A 30 -10.41 10.76 -10.62
C HIS A 30 -10.38 10.72 -10.57
N GLY A 31 -9.68 11.75 -10.11
CA GLY A 31 -8.56 12.29 -10.86
C GLY A 31 -7.44 11.30 -11.04
N VAL A 32 -7.29 10.38 -10.10
CA VAL A 32 -6.27 9.34 -10.21
C VAL A 32 -6.59 8.39 -11.33
N ILE A 33 -7.84 7.93 -11.42
CA ILE A 33 -8.30 7.13 -12.55
C ILE A 33 -8.03 7.86 -13.85
N GLU A 34 -8.45 9.12 -13.92
N GLU A 34 -8.43 9.13 -13.91
CA GLU A 34 -8.29 9.88 -15.16
CA GLU A 34 -8.29 9.89 -15.15
C GLU A 34 -6.83 9.95 -15.56
C GLU A 34 -6.83 10.01 -15.57
N GLU A 35 -5.95 10.27 -14.61
CA GLU A 35 -4.54 10.41 -14.91
C GLU A 35 -3.95 9.08 -15.35
N ASP A 36 -4.29 7.99 -14.63
CA ASP A 36 -3.68 6.70 -14.96
C ASP A 36 -4.16 6.16 -16.30
N LEU A 37 -5.36 6.55 -16.74
CA LEU A 37 -5.83 6.09 -18.04
C LEU A 37 -5.42 6.99 -19.20
N THR A 38 -4.85 8.17 -18.93
CA THR A 38 -4.49 9.10 -20.00
C THR A 38 -3.60 8.48 -21.07
N PRO A 39 -2.60 7.66 -20.75
CA PRO A 39 -1.76 7.07 -21.82
C PRO A 39 -2.51 6.15 -22.77
N PHE A 40 -3.74 5.75 -22.44
CA PHE A 40 -4.47 4.78 -23.24
C PHE A 40 -5.67 5.39 -23.95
N ARG A 41 -5.80 6.71 -23.93
CA ARG A 41 -6.96 7.34 -24.54
C ARG A 41 -7.02 7.08 -26.05
N GLY A 42 -5.87 6.83 -26.67
CA GLY A 42 -5.87 6.46 -28.09
C GLY A 42 -6.45 5.09 -28.38
N GLY A 43 -6.68 4.29 -27.35
CA GLY A 43 -7.28 2.98 -27.49
C GLY A 43 -6.27 1.88 -27.18
N ILE A 44 -6.78 0.77 -26.69
CA ILE A 44 -5.98 -0.41 -26.38
C ILE A 44 -6.36 -1.47 -27.41
N SER A 45 -5.43 -1.81 -28.30
CA SER A 45 -5.74 -2.73 -29.37
C SER A 45 -5.62 -4.18 -28.93
N ARG A 46 -6.20 -5.07 -29.73
CA ARG A 46 -6.02 -6.50 -29.51
C ARG A 46 -4.53 -6.86 -29.48
N LYS A 47 -3.74 -6.25 -30.38
CA LYS A 47 -2.30 -6.56 -30.43
C LYS A 47 -1.59 -6.13 -29.16
N MET A 48 -1.97 -4.98 -28.62
CA MET A 48 -1.35 -4.49 -27.40
C MET A 48 -1.65 -5.42 -26.24
N MET A 49 -2.89 -5.89 -26.15
CA MET A 49 -3.25 -6.80 -25.06
C MET A 49 -2.52 -8.12 -25.20
N ALA A 50 -2.41 -8.63 -26.43
CA ALA A 50 -1.67 -9.87 -26.66
C ALA A 50 -0.21 -9.73 -26.23
N GLU A 51 0.37 -8.55 -26.45
CA GLU A 51 1.77 -8.32 -26.08
C GLU A 51 1.96 -8.30 -24.58
N VAL A 52 1.08 -7.61 -23.85
CA VAL A 52 1.20 -7.61 -22.40
C VAL A 52 1.07 -9.03 -21.87
N VAL A 53 0.13 -9.80 -22.40
CA VAL A 53 -0.07 -11.16 -21.91
C VAL A 53 1.16 -12.01 -22.20
N ARG A 54 1.69 -11.87 -23.41
CA ARG A 54 2.87 -12.65 -23.80
C ARG A 54 4.06 -12.35 -22.89
N ARG A 55 4.22 -11.09 -22.48
CA ARG A 55 5.37 -10.69 -21.68
C ARG A 55 5.25 -11.09 -20.21
N LYS A 56 4.13 -11.65 -19.80
CA LYS A 56 3.93 -12.13 -18.43
C LYS A 56 4.23 -11.04 -17.42
N LEU A 57 3.69 -9.85 -17.68
CA LEU A 57 3.83 -8.72 -16.76
C LEU A 57 2.85 -8.79 -15.61
N GLY A 58 1.84 -9.63 -15.69
CA GLY A 58 0.90 -9.79 -14.60
C GLY A 58 0.03 -11.00 -14.85
N THR A 59 -1.02 -11.09 -14.06
CA THR A 59 -1.97 -12.20 -14.15
C THR A 59 -3.13 -11.78 -15.05
N HIS A 60 -3.41 -12.57 -16.07
CA HIS A 60 -4.41 -12.23 -17.08
C HIS A 60 -5.80 -12.64 -16.59
N TYR A 61 -6.67 -11.64 -16.45
CA TYR A 61 -8.07 -11.79 -16.11
C TYR A 61 -8.95 -11.36 -17.29
N GLN A 62 -10.12 -11.98 -17.38
CA GLN A 62 -11.10 -11.60 -18.39
C GLN A 62 -12.49 -11.55 -17.74
N ILE A 63 -13.30 -10.60 -18.18
CA ILE A 63 -14.69 -10.52 -17.74
C ILE A 63 -15.56 -10.62 -18.99
N THR A 64 -16.43 -11.63 -19.03
CA THR A 64 -17.47 -11.71 -20.05
C THR A 64 -18.78 -12.16 -19.41
N LYS A 65 -19.85 -11.46 -19.77
CA LYS A 65 -21.19 -11.79 -19.26
C LYS A 65 -21.21 -11.82 -17.74
N ASN A 66 -20.52 -10.86 -17.12
CA ASN A 66 -20.50 -10.69 -15.68
C ASN A 66 -19.92 -11.89 -14.95
N ARG A 67 -19.04 -12.63 -15.62
CA ARG A 67 -18.28 -13.71 -14.99
C ARG A 67 -16.80 -13.43 -15.15
N LEU A 68 -16.03 -13.87 -14.15
CA LEU A 68 -14.59 -13.61 -14.08
C LEU A 68 -13.82 -14.88 -14.43
N TYR A 69 -12.84 -14.75 -15.32
CA TYR A 69 -12.00 -15.85 -15.72
C TYR A 69 -10.55 -15.40 -15.56
N ARG A 70 -9.67 -16.38 -15.38
CA ARG A 70 -8.28 -16.08 -15.09
C ARG A 70 -7.41 -17.19 -15.63
N GLU A 71 -6.20 -16.82 -16.03
CA GLU A 71 -5.23 -17.85 -16.36
C GLU A 71 -4.93 -18.67 -15.10
N ASN A 72 -4.42 -19.87 -15.32
CA ASN A 72 -4.14 -20.78 -14.22
C ASN A 72 -3.13 -20.18 -13.24
N ASP A 73 -2.05 -19.59 -13.75
CA ASP A 73 -0.91 -19.26 -12.91
C ASP A 73 -1.16 -17.98 -12.13
N CYS A 74 -0.87 -18.02 -10.82
CA CYS A 74 -0.76 -16.79 -10.02
C CYS A 74 0.35 -16.99 -9.01
N MET A 75 1.40 -16.18 -9.13
CA MET A 75 2.59 -16.32 -8.29
C MET A 75 2.28 -16.13 -6.81
N PHE A 76 1.29 -15.32 -6.49
CA PHE A 76 0.95 -14.97 -5.11
C PHE A 76 -0.55 -15.23 -4.95
N PRO A 77 -0.93 -16.48 -4.70
CA PRO A 77 -2.35 -16.82 -4.73
C PRO A 77 -3.22 -15.99 -3.78
N SER A 78 -2.71 -15.63 -2.60
CA SER A 78 -3.53 -14.83 -1.70
C SER A 78 -3.71 -13.40 -2.21
N ARG A 79 -2.73 -12.87 -2.96
CA ARG A 79 -2.92 -11.56 -3.58
C ARG A 79 -3.94 -11.63 -4.69
N CYS A 80 -3.90 -12.67 -5.52
CA CYS A 80 -4.94 -12.83 -6.52
C CYS A 80 -6.31 -12.96 -5.84
N SER A 81 -6.39 -13.72 -4.76
CA SER A 81 -7.66 -13.89 -4.07
CA SER A 81 -7.66 -13.89 -4.07
C SER A 81 -8.18 -12.57 -3.53
N GLY A 82 -7.28 -11.71 -3.03
CA GLY A 82 -7.71 -10.42 -2.53
C GLY A 82 -8.25 -9.51 -3.62
N VAL A 83 -7.56 -9.46 -4.76
CA VAL A 83 -8.07 -8.74 -5.94
C VAL A 83 -9.43 -9.29 -6.35
N GLU A 84 -9.51 -10.61 -6.45
CA GLU A 84 -10.75 -11.23 -6.91
C GLU A 84 -11.92 -10.92 -5.98
N HIS A 85 -11.65 -10.80 -4.68
CA HIS A 85 -12.71 -10.48 -3.72
C HIS A 85 -13.46 -9.24 -4.16
N PHE A 86 -12.73 -8.19 -4.52
CA PHE A 86 -13.39 -6.94 -4.86
C PHE A 86 -13.98 -6.97 -6.26
N ILE A 87 -13.28 -7.57 -7.22
CA ILE A 87 -13.85 -7.65 -8.58
C ILE A 87 -15.18 -8.39 -8.54
N LEU A 88 -15.25 -9.51 -7.80
CA LEU A 88 -16.49 -10.28 -7.74
C LEU A 88 -17.61 -9.51 -7.06
N GLU A 89 -17.29 -8.57 -6.17
CA GLU A 89 -18.33 -7.79 -5.52
C GLU A 89 -19.05 -6.90 -6.52
N VAL A 90 -18.34 -6.42 -7.55
CA VAL A 90 -18.89 -5.42 -8.45
C VAL A 90 -19.13 -5.96 -9.86
N ILE A 91 -18.83 -7.23 -10.11
CA ILE A 91 -18.79 -7.73 -11.48
C ILE A 91 -20.16 -7.74 -12.14
N GLY A 92 -21.24 -7.80 -11.36
CA GLY A 92 -22.57 -7.72 -11.91
C GLY A 92 -22.87 -6.42 -12.62
N ARG A 93 -22.03 -5.40 -12.43
CA ARG A 93 -22.23 -4.10 -13.05
C ARG A 93 -21.11 -3.77 -14.01
N LEU A 94 -20.21 -4.70 -14.27
CA LEU A 94 -19.06 -4.39 -15.11
C LEU A 94 -19.29 -4.89 -16.52
N PRO A 95 -18.92 -4.12 -17.53
CA PRO A 95 -18.99 -4.61 -18.91
C PRO A 95 -17.84 -5.57 -19.20
N ASP A 96 -17.94 -6.22 -20.37
CA ASP A 96 -16.91 -7.16 -20.78
C ASP A 96 -15.58 -6.42 -20.92
N MET A 97 -14.49 -7.09 -20.54
CA MET A 97 -13.17 -6.48 -20.62
C MET A 97 -12.14 -7.56 -20.34
N GLU A 98 -10.87 -7.19 -20.49
CA GLU A 98 -9.80 -8.03 -19.99
C GLU A 98 -8.64 -7.12 -19.61
N MET A 99 -7.79 -7.66 -18.74
CA MET A 99 -6.73 -6.86 -18.16
C MET A 99 -5.66 -7.78 -17.59
N VAL A 100 -4.48 -7.22 -17.45
CA VAL A 100 -3.37 -7.90 -16.79
C VAL A 100 -3.14 -7.22 -15.44
N ILE A 101 -3.29 -7.98 -14.36
CA ILE A 101 -3.15 -7.47 -12.99
C ILE A 101 -1.88 -8.04 -12.41
N ASN A 102 -0.88 -7.18 -12.27
CA ASN A 102 0.39 -7.54 -11.66
C ASN A 102 0.21 -7.55 -10.14
N VAL A 103 0.51 -8.68 -9.53
CA VAL A 103 0.46 -8.81 -8.07
C VAL A 103 1.83 -8.86 -7.44
N ARG A 104 2.90 -8.63 -8.19
CA ARG A 104 4.20 -8.42 -7.59
C ARG A 104 4.26 -7.03 -6.96
N ASP A 105 5.26 -6.80 -6.10
CA ASP A 105 5.38 -5.50 -5.45
C ASP A 105 5.67 -4.38 -6.44
N TYR A 106 6.51 -4.65 -7.46
CA TYR A 106 7.12 -3.59 -8.26
C TYR A 106 6.37 -3.40 -9.58
N PRO A 107 6.23 -2.16 -10.05
CA PRO A 107 5.53 -1.92 -11.32
C PRO A 107 6.34 -2.42 -12.51
N GLN A 108 5.64 -2.48 -13.65
CA GLN A 108 6.12 -3.21 -14.82
C GLN A 108 6.25 -2.40 -16.10
N VAL A 109 5.72 -1.18 -16.16
CA VAL A 109 5.68 -0.45 -17.43
C VAL A 109 6.37 0.89 -17.25
N PRO A 110 7.70 0.95 -17.28
CA PRO A 110 8.36 2.23 -17.17
C PRO A 110 7.97 3.17 -18.31
N LYS A 111 8.09 4.47 -18.02
CA LYS A 111 7.64 5.51 -18.93
C LYS A 111 8.38 5.50 -20.26
N TRP A 112 9.61 4.99 -20.30
CA TRP A 112 10.36 5.05 -21.55
C TRP A 112 9.80 4.11 -22.60
N MET A 113 9.14 3.02 -22.18
CA MET A 113 8.52 2.10 -23.12
C MET A 113 7.47 2.83 -23.94
N GLU A 114 7.61 2.77 -25.27
CA GLU A 114 6.63 3.38 -26.15
C GLU A 114 6.27 2.40 -27.26
N PRO A 115 4.96 2.22 -27.52
CA PRO A 115 3.83 2.85 -26.84
C PRO A 115 3.60 2.28 -25.44
N ALA A 116 2.93 3.04 -24.59
CA ALA A 116 2.55 2.51 -23.29
C ALA A 116 1.62 1.32 -23.47
N ILE A 117 1.80 0.29 -22.64
CA ILE A 117 0.92 -0.86 -22.64
C ILE A 117 0.29 -0.97 -21.25
N PRO A 118 -0.92 -1.54 -21.15
CA PRO A 118 -1.67 -1.46 -19.89
C PRO A 118 -1.43 -2.62 -18.94
N VAL A 119 -0.86 -2.32 -17.78
CA VAL A 119 -0.71 -3.27 -16.69
C VAL A 119 -1.23 -2.59 -15.44
N PHE A 120 -2.01 -3.31 -14.65
CA PHE A 120 -2.49 -2.81 -13.36
C PHE A 120 -1.51 -3.24 -12.27
N SER A 121 -1.05 -2.29 -11.45
CA SER A 121 -0.12 -2.57 -10.35
C SER A 121 -0.59 -1.78 -9.14
N PHE A 122 -0.24 -2.25 -7.93
CA PHE A 122 -0.74 -1.53 -6.75
C PHE A 122 0.02 -0.23 -6.52
N SER A 123 1.28 -0.16 -6.94
CA SER A 123 2.12 0.97 -6.59
C SER A 123 3.01 1.39 -7.75
N LYS A 124 3.16 2.69 -7.91
CA LYS A 124 4.05 3.20 -8.93
C LYS A 124 4.61 4.55 -8.50
N THR A 125 5.52 5.07 -9.32
CA THR A 125 5.91 6.46 -9.35
C THR A 125 5.45 7.06 -10.67
N SER A 126 5.62 8.38 -10.78
CA SER A 126 5.27 9.09 -12.02
C SER A 126 6.14 8.65 -13.19
N GLU A 127 7.18 7.86 -12.96
CA GLU A 127 8.01 7.34 -14.04
C GLU A 127 7.51 6.01 -14.60
N TYR A 128 6.31 5.57 -14.21
CA TYR A 128 5.71 4.35 -14.71
C TYR A 128 4.32 4.64 -15.25
N HIS A 129 3.91 3.85 -16.22
CA HIS A 129 2.58 3.98 -16.79
C HIS A 129 1.61 2.94 -16.27
N ASP A 130 2.00 2.15 -15.29
CA ASP A 130 1.07 1.18 -14.70
C ASP A 130 -0.16 1.91 -14.18
N ILE A 131 -1.28 1.20 -14.16
CA ILE A 131 -2.55 1.72 -13.69
C ILE A 131 -2.71 1.25 -12.27
N MET A 132 -2.86 2.18 -11.31
CA MET A 132 -2.98 1.77 -9.92
C MET A 132 -4.34 1.18 -9.60
N TYR A 133 -4.33 0.16 -8.75
CA TYR A 133 -5.55 -0.45 -8.25
C TYR A 133 -5.43 -0.63 -6.75
N PRO A 134 -6.55 -0.74 -6.04
CA PRO A 134 -6.47 -0.95 -4.58
C PRO A 134 -5.84 -2.30 -4.25
N ALA A 135 -4.81 -2.28 -3.43
CA ALA A 135 -4.05 -3.49 -3.21
C ALA A 135 -4.89 -4.61 -2.61
N TRP A 136 -4.46 -5.83 -2.91
CA TRP A 136 -5.07 -7.05 -2.39
C TRP A 136 -5.34 -6.99 -0.90
N THR A 137 -4.39 -6.43 -0.15
CA THR A 137 -4.38 -6.42 1.32
C THR A 137 -5.60 -5.76 1.94
N PHE A 138 -6.33 -4.91 1.21
CA PHE A 138 -7.56 -4.42 1.80
C PHE A 138 -8.46 -5.56 2.22
N TRP A 139 -8.38 -6.70 1.53
CA TRP A 139 -9.06 -7.92 1.94
C TRP A 139 -8.11 -8.95 2.55
N GLU A 140 -7.05 -9.33 1.84
CA GLU A 140 -6.17 -10.41 2.29
C GLU A 140 -4.84 -10.31 1.56
N GLY A 141 -3.89 -11.13 1.99
CA GLY A 141 -2.68 -11.34 1.21
C GLY A 141 -1.54 -10.39 1.49
N GLY A 142 -1.66 -9.50 2.45
CA GLY A 142 -0.55 -8.66 2.83
C GLY A 142 0.52 -9.44 3.56
N PRO A 143 1.61 -8.76 3.94
CA PRO A 143 2.74 -9.43 4.59
C PRO A 143 2.31 -10.24 5.80
N ALA A 144 2.75 -11.49 5.83
CA ALA A 144 2.41 -12.40 6.93
C ALA A 144 3.51 -12.40 7.99
N VAL A 145 3.67 -11.23 8.61
CA VAL A 145 4.75 -10.99 9.55
C VAL A 145 4.52 -11.81 10.81
N TRP A 146 5.42 -12.74 11.09
CA TRP A 146 5.26 -13.62 12.23
C TRP A 146 5.74 -12.90 13.47
N PRO A 147 4.99 -12.99 14.58
CA PRO A 147 3.75 -13.74 14.83
C PRO A 147 2.48 -12.87 14.78
N ILE A 148 2.61 -11.61 14.38
CA ILE A 148 1.50 -10.65 14.52
C ILE A 148 0.42 -10.84 13.45
N TYR A 149 0.79 -11.18 12.21
CA TYR A 149 -0.19 -11.34 11.11
C TYR A 149 0.05 -12.71 10.48
N PRO A 150 -0.25 -13.79 11.20
CA PRO A 150 0.11 -15.13 10.70
C PRO A 150 -0.55 -15.47 9.37
N THR A 151 -1.74 -14.96 9.11
CA THR A 151 -2.46 -15.28 7.89
C THR A 151 -2.39 -14.13 6.88
N GLY A 152 -1.47 -13.19 7.09
CA GLY A 152 -1.25 -12.08 6.18
C GLY A 152 -2.02 -10.85 6.61
N LEU A 153 -1.38 -9.70 6.51
CA LEU A 153 -2.05 -8.43 6.79
C LEU A 153 -3.21 -8.23 5.82
N GLY A 154 -4.39 -8.01 6.38
CA GLY A 154 -5.59 -7.91 5.58
C GLY A 154 -6.75 -7.31 6.34
N ARG A 155 -7.96 -7.58 5.84
CA ARG A 155 -9.21 -7.18 6.47
C ARG A 155 -9.13 -5.76 7.00
N TRP A 156 -8.99 -4.82 6.08
CA TRP A 156 -8.93 -3.41 6.43
C TRP A 156 -10.19 -2.97 7.15
N ASP A 157 -11.34 -3.53 6.80
CA ASP A 157 -12.58 -3.19 7.52
C ASP A 157 -12.44 -3.45 9.02
N LEU A 158 -11.86 -4.58 9.39
CA LEU A 158 -11.71 -4.92 10.80
C LEU A 158 -10.55 -4.14 11.42
N PHE A 159 -9.47 -3.97 10.70
CA PHE A 159 -8.34 -3.22 11.20
C PHE A 159 -8.72 -1.77 11.51
N ARG A 160 -9.52 -1.16 10.65
CA ARG A 160 -9.98 0.19 10.94
C ARG A 160 -10.63 0.26 12.32
N GLU A 161 -11.53 -0.69 12.63
CA GLU A 161 -12.22 -0.67 13.91
C GLU A 161 -11.24 -0.83 15.06
N ASP A 162 -10.27 -1.71 14.91
CA ASP A 162 -9.32 -1.93 16.00
C ASP A 162 -8.44 -0.70 16.20
N LEU A 163 -8.07 -0.02 15.11
CA LEU A 163 -7.24 1.16 15.25
C LEU A 163 -7.99 2.34 15.85
N VAL A 164 -9.26 2.54 15.46
CA VAL A 164 -10.06 3.59 16.09
C VAL A 164 -10.20 3.34 17.57
N ARG A 165 -10.36 2.09 17.98
CA ARG A 165 -10.46 1.77 19.40
C ARG A 165 -9.15 2.06 20.12
N SER A 166 -8.03 1.72 19.49
CA SER A 166 -6.73 2.00 20.09
C SER A 166 -6.49 3.50 20.21
N ALA A 167 -6.85 4.25 19.16
CA ALA A 167 -6.75 5.70 19.19
C ALA A 167 -7.51 6.30 20.38
N ALA A 168 -8.70 5.76 20.68
CA ALA A 168 -9.48 6.28 21.79
C ALA A 168 -8.84 5.98 23.13
N GLN A 169 -8.06 4.89 23.22
CA GLN A 169 -7.32 4.59 24.43
C GLN A 169 -6.12 5.50 24.60
N TRP A 170 -5.67 6.13 23.52
CA TRP A 170 -4.45 6.95 23.52
C TRP A 170 -4.77 8.33 22.94
N PRO A 171 -5.55 9.14 23.64
CA PRO A 171 -5.74 10.52 23.18
C PRO A 171 -4.40 11.26 23.09
N TRP A 172 -4.37 12.25 22.20
CA TRP A 172 -3.13 12.96 21.88
C TRP A 172 -2.29 13.35 23.10
N LYS A 173 -2.92 13.96 24.11
CA LYS A 173 -2.16 14.45 25.26
C LYS A 173 -1.46 13.33 26.02
N LYS A 174 -1.95 12.10 25.91
CA LYS A 174 -1.35 10.96 26.61
C LYS A 174 -0.32 10.21 25.77
N LYS A 175 -0.18 10.55 24.49
CA LYS A 175 0.75 9.86 23.61
C LYS A 175 2.20 10.24 23.94
N ASN A 176 3.10 9.31 23.68
CA ASN A 176 4.53 9.43 23.96
C ASN A 176 5.17 10.25 22.83
N SER A 177 6.09 11.17 23.18
CA SER A 177 6.68 12.11 22.25
CA SER A 177 6.64 12.09 22.20
C SER A 177 7.94 11.60 21.54
N THR A 178 8.35 10.36 21.79
CA THR A 178 9.45 9.74 21.06
C THR A 178 8.90 9.18 19.74
N ALA A 179 9.45 9.60 18.61
CA ALA A 179 8.98 9.15 17.31
C ALA A 179 9.23 7.66 17.17
N TYR A 180 8.39 7.00 16.38
CA TYR A 180 8.32 5.54 16.40
C TYR A 180 8.27 4.92 15.02
N PHE A 181 9.02 3.83 14.86
CA PHE A 181 8.99 3.02 13.64
C PHE A 181 9.39 1.59 13.96
N ARG A 182 8.66 0.63 13.43
CA ARG A 182 9.02 -0.77 13.49
C ARG A 182 8.75 -1.36 12.13
N GLY A 183 9.81 -1.82 11.48
CA GLY A 183 9.67 -2.37 10.14
C GLY A 183 10.99 -2.96 9.70
N SER A 184 10.96 -3.62 8.56
CA SER A 184 12.15 -4.30 8.05
C SER A 184 12.86 -3.46 6.99
N ARG A 185 14.04 -3.93 6.58
CA ARG A 185 14.90 -3.19 5.65
C ARG A 185 14.52 -3.50 4.20
N THR A 186 13.27 -3.21 3.85
CA THR A 186 12.80 -3.39 2.48
C THR A 186 13.30 -2.29 1.55
N SER A 187 13.78 -1.19 2.11
CA SER A 187 14.51 -0.15 1.38
C SER A 187 15.58 0.42 2.28
N PRO A 188 16.80 0.62 1.77
CA PRO A 188 17.82 1.34 2.57
C PRO A 188 17.47 2.77 2.87
N GLU A 189 16.43 3.33 2.23
CA GLU A 189 15.98 4.66 2.58
C GLU A 189 15.54 4.77 4.03
N ARG A 190 15.23 3.64 4.68
CA ARG A 190 14.87 3.62 6.09
C ARG A 190 16.10 3.77 7.00
N ASP A 191 17.29 3.52 6.48
CA ASP A 191 18.48 3.43 7.33
C ASP A 191 18.68 4.66 8.21
N PRO A 192 18.59 5.89 7.71
CA PRO A 192 18.97 7.03 8.56
C PRO A 192 18.10 7.16 9.80
N LEU A 193 16.86 6.70 9.77
CA LEU A 193 16.03 6.82 10.97
C LEU A 193 16.44 5.80 12.02
N ILE A 194 16.74 4.57 11.59
CA ILE A 194 17.24 3.55 12.51
C ILE A 194 18.55 4.02 13.14
N LEU A 195 19.44 4.61 12.33
CA LEU A 195 20.71 5.06 12.87
C LEU A 195 20.55 6.26 13.79
N LEU A 196 19.66 7.20 13.44
CA LEU A 196 19.34 8.31 14.34
C LEU A 196 18.81 7.79 15.68
N SER A 197 17.98 6.76 15.64
CA SER A 197 17.45 6.17 16.87
C SER A 197 18.56 5.60 17.74
N ARG A 198 19.54 4.94 17.12
CA ARG A 198 20.66 4.41 17.88
C ARG A 198 21.48 5.53 18.52
N LYS A 199 21.60 6.66 17.84
CA LYS A 199 22.32 7.83 18.35
C LYS A 199 21.53 8.56 19.43
N ASN A 200 20.21 8.64 19.29
CA ASN A 200 19.39 9.51 20.14
C ASN A 200 18.08 8.79 20.42
N PRO A 201 18.12 7.78 21.29
CA PRO A 201 16.92 6.96 21.51
C PRO A 201 15.76 7.71 22.15
N LYS A 202 16.01 8.81 22.86
CA LYS A 202 14.90 9.59 23.41
C LYS A 202 14.17 10.34 22.31
N LEU A 203 14.85 10.67 21.24
CA LEU A 203 14.22 11.37 20.13
C LEU A 203 13.42 10.43 19.24
N VAL A 204 13.96 9.24 18.95
CA VAL A 204 13.37 8.32 18.00
C VAL A 204 13.61 6.89 18.48
N ASP A 205 12.54 6.08 18.43
CA ASP A 205 12.58 4.65 18.71
C ASP A 205 12.26 3.96 17.39
N ALA A 206 13.29 3.70 16.60
CA ALA A 206 13.14 3.07 15.29
C ALA A 206 14.12 1.92 15.20
N GLU A 207 13.59 0.72 14.93
CA GLU A 207 14.38 -0.50 14.96
C GLU A 207 13.93 -1.39 13.80
N TYR A 208 14.88 -2.11 13.23
CA TYR A 208 14.58 -3.05 12.17
C TYR A 208 14.14 -4.41 12.70
N THR A 209 12.96 -4.83 12.23
CA THR A 209 12.47 -6.19 12.33
C THR A 209 13.02 -6.99 11.16
N LYS A 210 12.85 -8.31 11.21
CA LYS A 210 13.13 -9.16 10.06
C LYS A 210 11.96 -9.20 9.10
N ASN A 211 12.28 -9.43 7.82
CA ASN A 211 11.30 -9.95 6.87
C ASN A 211 11.75 -11.31 6.36
N GLN A 212 10.91 -11.96 5.55
CA GLN A 212 11.19 -13.33 5.13
C GLN A 212 12.32 -13.44 4.11
N ALA A 213 12.87 -12.32 3.66
CA ALA A 213 14.06 -12.34 2.81
C ALA A 213 15.34 -12.19 3.62
N TRP A 214 15.25 -12.12 4.94
CA TRP A 214 16.43 -12.00 5.79
C TRP A 214 17.45 -13.09 5.51
N LYS A 215 18.72 -12.68 5.46
CA LYS A 215 19.84 -13.60 5.24
C LYS A 215 20.89 -13.46 6.33
N SER A 216 21.03 -12.29 6.95
CA SER A 216 22.11 -12.09 7.92
C SER A 216 21.84 -10.80 8.67
N MET A 217 22.65 -10.56 9.71
CA MET A 217 22.50 -9.32 10.49
C MET A 217 22.77 -8.07 9.65
N LYS A 218 23.37 -8.18 8.46
CA LYS A 218 23.43 -7.01 7.58
C LYS A 218 22.05 -6.46 7.31
N ASP A 219 21.04 -7.34 7.29
CA ASP A 219 19.67 -6.92 6.99
C ASP A 219 18.99 -6.19 8.13
N THR A 220 19.62 -6.11 9.31
CA THR A 220 19.16 -5.24 10.38
C THR A 220 20.27 -4.30 10.83
N LEU A 221 21.20 -3.99 9.93
CA LEU A 221 22.33 -3.09 10.19
C LEU A 221 23.11 -3.50 11.43
N GLY A 222 23.36 -4.80 11.56
CA GLY A 222 24.31 -5.29 12.52
C GLY A 222 23.82 -5.41 13.94
N LYS A 223 22.53 -5.23 14.18
CA LYS A 223 21.97 -5.43 15.50
C LYS A 223 20.95 -6.57 15.46
N PRO A 224 20.72 -7.25 16.57
CA PRO A 224 19.67 -8.28 16.58
C PRO A 224 18.34 -7.70 16.14
N ALA A 225 17.59 -8.49 15.39
CA ALA A 225 16.28 -8.04 14.93
C ALA A 225 15.38 -7.67 16.11
N ALA A 226 14.60 -6.62 15.93
CA ALA A 226 13.64 -6.19 16.92
C ALA A 226 12.42 -7.09 16.89
N LYS A 227 11.74 -7.19 18.04
CA LYS A 227 10.48 -7.92 18.08
C LYS A 227 9.41 -7.17 17.28
N ASP A 228 8.48 -7.91 16.70
CA ASP A 228 7.43 -7.31 15.90
C ASP A 228 6.34 -6.75 16.80
N VAL A 229 5.76 -5.65 16.35
CA VAL A 229 4.81 -4.86 17.13
C VAL A 229 3.57 -4.62 16.28
N HIS A 230 2.42 -5.05 16.78
CA HIS A 230 1.16 -4.85 16.07
C HIS A 230 0.92 -3.37 15.81
N LEU A 231 0.30 -3.06 14.66
CA LEU A 231 -0.03 -1.68 14.37
C LEU A 231 -0.91 -1.04 15.44
N VAL A 232 -1.79 -1.80 16.11
CA VAL A 232 -2.59 -1.18 17.17
C VAL A 232 -1.72 -0.68 18.30
N ASP A 233 -0.55 -1.28 18.47
CA ASP A 233 0.36 -0.88 19.53
C ASP A 233 1.26 0.28 19.12
N HIS A 234 1.09 0.81 17.91
CA HIS A 234 1.77 2.03 17.53
C HIS A 234 1.06 3.29 18.02
N CYS A 235 -0.22 3.20 18.38
CA CYS A 235 -1.04 4.40 18.58
C CYS A 235 -0.64 5.19 19.82
N LYS A 236 0.10 4.58 20.74
CA LYS A 236 0.56 5.31 21.92
C LYS A 236 1.65 6.33 21.61
N TYR A 237 2.19 6.34 20.39
CA TYR A 237 3.24 7.28 20.01
C TYR A 237 2.66 8.42 19.18
N LYS A 238 3.05 9.65 19.51
CA LYS A 238 2.53 10.84 18.83
C LYS A 238 3.00 10.95 17.39
N TYR A 239 4.21 10.48 17.07
CA TYR A 239 4.84 10.75 15.78
C TYR A 239 5.20 9.41 15.16
N LEU A 240 4.53 9.05 14.08
CA LEU A 240 4.68 7.75 13.44
C LEU A 240 5.26 7.92 12.05
N PHE A 241 6.41 7.29 11.80
CA PHE A 241 7.07 7.39 10.50
C PHE A 241 6.58 6.37 9.51
N ASN A 242 6.55 6.80 8.24
CA ASN A 242 6.26 5.96 7.10
C ASN A 242 7.31 6.14 6.03
N PHE A 243 7.77 5.01 5.46
CA PHE A 243 8.74 4.98 4.37
C PHE A 243 8.28 4.07 3.23
N ARG A 244 8.79 4.33 2.04
CA ARG A 244 8.72 3.32 1.01
C ARG A 244 9.39 2.03 1.48
N GLY A 245 8.99 0.93 0.85
CA GLY A 245 9.71 -0.32 0.91
C GLY A 245 10.17 -0.70 -0.47
N VAL A 246 9.85 -1.92 -0.93
CA VAL A 246 10.12 -2.26 -2.32
C VAL A 246 9.45 -1.25 -3.22
N ALA A 247 8.17 -1.00 -2.97
CA ALA A 247 7.38 0.07 -3.59
C ALA A 247 6.75 0.83 -2.42
N ALA A 248 5.50 1.29 -2.54
CA ALA A 248 4.86 1.89 -1.37
C ALA A 248 4.59 0.84 -0.29
N SER A 249 4.34 1.32 0.93
CA SER A 249 4.05 0.44 2.06
C SER A 249 2.60 0.53 2.57
N PHE A 250 2.06 -0.63 2.90
CA PHE A 250 0.77 -0.78 3.53
C PHE A 250 0.70 -0.19 4.93
N ARG A 251 1.84 0.08 5.55
CA ARG A 251 1.86 0.72 6.86
C ARG A 251 1.08 2.04 6.85
N PHE A 252 1.27 2.85 5.80
CA PHE A 252 0.90 4.27 5.79
C PHE A 252 -0.54 4.49 6.24
N LYS A 253 -1.50 3.85 5.57
CA LYS A 253 -2.91 4.14 5.85
C LYS A 253 -3.27 3.84 7.30
N HIS A 254 -2.61 2.83 7.91
CA HIS A 254 -2.97 2.45 9.27
C HIS A 254 -2.57 3.52 10.28
N LEU A 255 -1.45 4.19 10.05
CA LEU A 255 -0.89 5.10 11.05
C LEU A 255 -1.87 6.24 11.36
N PHE A 256 -2.55 6.74 10.32
CA PHE A 256 -3.48 7.85 10.51
C PHE A 256 -4.57 7.51 11.51
N LEU A 257 -5.05 6.26 11.48
CA LEU A 257 -6.19 5.91 12.32
C LEU A 257 -5.82 5.79 13.79
N CYS A 258 -4.52 5.79 14.11
CA CYS A 258 -4.10 5.93 15.49
C CYS A 258 -4.37 7.31 16.07
N GLY A 259 -4.70 8.28 15.23
CA GLY A 259 -4.80 9.66 15.70
C GLY A 259 -3.46 10.31 15.91
N SER A 260 -2.39 9.66 15.51
CA SER A 260 -1.04 10.15 15.64
C SER A 260 -0.66 10.93 14.39
N LEU A 261 0.38 11.74 14.52
CA LEU A 261 0.86 12.55 13.41
C LEU A 261 1.81 11.73 12.57
N VAL A 262 1.49 11.60 11.29
CA VAL A 262 2.27 10.79 10.37
C VAL A 262 3.38 11.63 9.77
N PHE A 263 4.61 11.10 9.81
CA PHE A 263 5.77 11.67 9.14
C PHE A 263 6.05 10.78 7.93
N HIS A 264 5.76 11.29 6.75
CA HIS A 264 5.83 10.52 5.52
C HIS A 264 7.08 10.92 4.76
N VAL A 265 7.98 9.95 4.56
CA VAL A 265 9.31 10.21 4.02
C VAL A 265 9.26 9.99 2.50
N GLY A 266 9.64 11.01 1.74
CA GLY A 266 9.67 10.88 0.30
C GLY A 266 8.32 11.11 -0.33
N ASP A 267 8.31 11.28 -1.66
CA ASP A 267 7.07 11.59 -2.33
C ASP A 267 6.96 10.94 -3.70
N GLU A 268 7.70 9.86 -3.95
CA GLU A 268 7.70 9.20 -5.25
C GLU A 268 6.77 7.98 -5.33
N TRP A 269 6.83 7.06 -4.36
CA TRP A 269 6.08 5.81 -4.40
C TRP A 269 4.65 6.00 -3.87
N LEU A 270 3.68 5.65 -4.72
CA LEU A 270 2.27 5.90 -4.47
C LEU A 270 1.45 4.62 -4.38
N GLU A 271 0.31 4.75 -3.71
CA GLU A 271 -0.86 3.91 -3.91
C GLU A 271 -1.97 4.83 -4.40
N PHE A 272 -3.09 4.25 -4.84
CA PHE A 272 -4.09 5.03 -5.57
C PHE A 272 -4.63 6.19 -4.76
N PHE A 273 -4.66 6.06 -3.43
CA PHE A 273 -5.27 7.08 -2.58
C PHE A 273 -4.30 8.18 -2.17
N TYR A 274 -3.00 8.01 -2.44
CA TYR A 274 -2.03 8.96 -1.91
C TYR A 274 -2.22 10.35 -2.47
N PRO A 275 -2.60 10.55 -3.74
CA PRO A 275 -2.73 11.92 -4.25
C PRO A 275 -3.73 12.77 -3.51
N GLN A 276 -4.67 12.16 -2.79
CA GLN A 276 -5.65 12.89 -1.98
C GLN A 276 -5.15 13.25 -0.60
N LEU A 277 -4.05 12.63 -0.14
CA LEU A 277 -3.42 12.98 1.12
C LEU A 277 -2.38 14.06 0.83
N LYS A 278 -2.55 15.22 1.45
CA LYS A 278 -1.75 16.37 1.08
C LYS A 278 -0.75 16.71 2.19
N PRO A 279 0.51 16.97 1.84
CA PRO A 279 1.47 17.41 2.84
C PRO A 279 1.02 18.66 3.55
N TRP A 280 1.29 18.70 4.84
CA TRP A 280 0.95 19.79 5.76
C TRP A 280 -0.53 19.87 6.10
N VAL A 281 -1.39 19.37 5.23
CA VAL A 281 -2.81 19.24 5.56
C VAL A 281 -3.04 17.99 6.39
N HIS A 282 -2.51 16.85 5.93
CA HIS A 282 -2.78 15.55 6.51
C HIS A 282 -1.61 14.90 7.19
N TYR A 283 -0.38 15.31 6.90
CA TYR A 283 0.80 14.66 7.46
C TYR A 283 1.98 15.62 7.31
N ILE A 284 3.09 15.26 7.93
CA ILE A 284 4.34 16.03 7.84
C ILE A 284 5.18 15.38 6.74
N PRO A 285 5.55 16.11 5.69
CA PRO A 285 6.46 15.54 4.68
C PRO A 285 7.90 15.65 5.16
N VAL A 286 8.67 14.59 4.94
CA VAL A 286 10.07 14.54 5.33
C VAL A 286 10.90 14.34 4.07
N LYS A 287 12.02 15.04 3.97
CA LYS A 287 12.90 14.85 2.83
C LYS A 287 13.34 13.39 2.73
N THR A 288 13.45 12.94 1.49
CA THR A 288 13.79 11.55 1.20
C THR A 288 15.04 11.11 1.95
N ASP A 289 16.06 11.99 2.04
CA ASP A 289 17.31 11.66 2.70
C ASP A 289 17.29 11.91 4.22
N LEU A 290 16.12 12.28 4.77
CA LEU A 290 15.94 12.54 6.20
C LEU A 290 16.73 13.73 6.71
N SER A 291 17.27 14.56 5.83
CA SER A 291 18.17 15.62 6.27
C SER A 291 17.48 16.66 7.14
N ASN A 292 16.16 16.82 7.06
CA ASN A 292 15.46 17.82 7.86
C ASN A 292 14.64 17.21 8.99
N VAL A 293 14.87 15.94 9.32
CA VAL A 293 13.99 15.26 10.26
C VAL A 293 14.09 15.86 11.66
N GLN A 294 15.30 16.24 12.10
CA GLN A 294 15.41 16.75 13.46
C GLN A 294 14.76 18.12 13.57
N GLU A 295 14.89 18.95 12.54
CA GLU A 295 14.20 20.24 12.53
C GLU A 295 12.68 20.06 12.56
N LEU A 296 12.16 19.08 11.81
CA LEU A 296 10.71 18.85 11.80
C LEU A 296 10.23 18.36 13.16
N LEU A 297 10.99 17.50 13.83
CA LEU A 297 10.56 17.00 15.11
C LEU A 297 10.57 18.12 16.15
N GLN A 298 11.55 19.02 16.08
CA GLN A 298 11.54 20.15 17.00
CA GLN A 298 11.58 20.17 16.97
C GLN A 298 10.38 21.09 16.70
N PHE A 299 10.08 21.32 15.42
CA PHE A 299 8.95 22.17 15.07
C PHE A 299 7.64 21.65 15.67
N VAL A 300 7.36 20.35 15.49
CA VAL A 300 6.07 19.84 15.96
C VAL A 300 5.96 19.91 17.47
N LYS A 301 7.08 19.69 18.17
CA LYS A 301 7.05 19.74 19.63
C LYS A 301 6.78 21.16 20.12
N ALA A 302 7.33 22.16 19.44
CA ALA A 302 7.13 23.55 19.81
C ALA A 302 5.83 24.12 19.29
N ASN A 303 5.09 23.38 18.47
CA ASN A 303 3.83 23.81 17.89
C ASN A 303 2.83 22.66 17.98
N ASP A 304 2.56 22.23 19.21
CA ASP A 304 1.83 20.98 19.40
C ASP A 304 0.36 21.12 19.03
N ASP A 305 -0.22 22.33 19.15
CA ASP A 305 -1.60 22.50 18.70
C ASP A 305 -1.72 22.34 17.18
N VAL A 306 -0.76 22.91 16.44
CA VAL A 306 -0.73 22.72 14.98
C VAL A 306 -0.54 21.25 14.64
N ALA A 307 0.39 20.59 15.34
CA ALA A 307 0.65 19.18 15.11
C ALA A 307 -0.62 18.36 15.30
N GLN A 308 -1.34 18.64 16.38
CA GLN A 308 -2.58 17.92 16.64
C GLN A 308 -3.60 18.16 15.53
N GLU A 309 -3.66 19.39 14.99
CA GLU A 309 -4.65 19.68 13.96
C GLU A 309 -4.35 18.90 12.67
N ILE A 310 -3.07 18.76 12.32
CA ILE A 310 -2.70 17.98 11.15
C ILE A 310 -3.07 16.53 11.36
N ALA A 311 -2.73 16.00 12.54
CA ALA A 311 -3.04 14.60 12.84
C ALA A 311 -4.54 14.34 12.76
N GLU A 312 -5.35 15.25 13.29
CA GLU A 312 -6.80 15.07 13.26
C GLU A 312 -7.31 15.09 11.81
N ARG A 313 -6.80 16.02 10.99
CA ARG A 313 -7.23 16.07 9.60
C ARG A 313 -6.87 14.79 8.86
N GLY A 314 -5.68 14.25 9.10
CA GLY A 314 -5.28 13.02 8.41
C GLY A 314 -6.12 11.83 8.85
N SER A 315 -6.34 11.70 10.16
CA SER A 315 -7.21 10.64 10.67
C SER A 315 -8.61 10.74 10.08
N GLN A 316 -9.15 11.95 10.04
CA GLN A 316 -10.49 12.14 9.50
C GLN A 316 -10.56 11.76 8.03
N PHE A 317 -9.52 12.10 7.27
CA PHE A 317 -9.54 11.75 5.85
C PHE A 317 -9.62 10.24 5.65
N ILE A 318 -8.75 9.50 6.33
CA ILE A 318 -8.78 8.04 6.19
C ILE A 318 -10.10 7.50 6.74
N ARG A 319 -10.57 8.02 7.87
N ARG A 319 -10.57 8.01 7.88
CA ARG A 319 -11.80 7.53 8.47
CA ARG A 319 -11.82 7.51 8.44
C ARG A 319 -12.98 7.70 7.51
C ARG A 319 -12.98 7.68 7.46
N ASN A 320 -13.07 8.85 6.84
CA ASN A 320 -14.23 9.16 6.04
C ASN A 320 -14.10 8.77 4.57
N HIS A 321 -12.89 8.67 4.04
CA HIS A 321 -12.71 8.55 2.60
C HIS A 321 -11.87 7.35 2.19
N LEU A 322 -11.46 6.50 3.13
CA LEU A 322 -10.81 5.24 2.81
C LEU A 322 -11.49 4.13 3.57
N GLN A 323 -12.81 4.10 3.46
CA GLN A 323 -13.63 3.04 4.00
C GLN A 323 -13.61 1.83 3.06
N MET A 324 -14.06 0.69 3.57
CA MET A 324 -14.07 -0.50 2.72
C MET A 324 -14.90 -0.26 1.46
N ASP A 325 -16.03 0.44 1.60
CA ASP A 325 -16.86 0.72 0.42
C ASP A 325 -16.15 1.61 -0.59
N ASP A 326 -15.22 2.45 -0.14
CA ASP A 326 -14.46 3.26 -1.08
C ASP A 326 -13.54 2.41 -1.94
N ILE A 327 -13.00 1.33 -1.36
CA ILE A 327 -12.17 0.39 -2.10
C ILE A 327 -12.97 -0.26 -3.21
N THR A 328 -14.15 -0.80 -2.85
CA THR A 328 -15.01 -1.43 -3.83
CA THR A 328 -15.00 -1.43 -3.86
C THR A 328 -15.43 -0.43 -4.91
N CYS A 329 -15.79 0.78 -4.50
CA CYS A 329 -16.16 1.82 -5.43
C CYS A 329 -15.03 2.12 -6.41
N TYR A 330 -13.79 2.23 -5.91
CA TYR A 330 -12.70 2.57 -6.81
C TYR A 330 -12.49 1.47 -7.82
N TRP A 331 -12.52 0.21 -7.38
CA TRP A 331 -12.39 -0.90 -8.33
C TRP A 331 -13.45 -0.80 -9.44
N GLU A 332 -14.69 -0.56 -9.04
CA GLU A 332 -15.77 -0.53 -10.03
C GLU A 332 -15.55 0.62 -11.02
N ASN A 333 -15.24 1.81 -10.49
CA ASN A 333 -15.09 2.97 -11.37
C ASN A 333 -13.86 2.82 -12.26
N LEU A 334 -12.76 2.30 -11.69
CA LEU A 334 -11.52 2.10 -12.45
C LEU A 334 -11.74 1.15 -13.60
N LEU A 335 -12.29 -0.02 -13.32
CA LEU A 335 -12.47 -1.01 -14.37
C LEU A 335 -13.52 -0.57 -15.39
N SER A 336 -14.59 0.07 -14.93
CA SER A 336 -15.59 0.57 -15.87
C SER A 336 -14.98 1.58 -16.84
N GLU A 337 -14.21 2.52 -16.31
CA GLU A 337 -13.63 3.55 -17.18
C GLU A 337 -12.57 2.95 -18.09
N TYR A 338 -11.74 2.05 -17.55
CA TYR A 338 -10.73 1.37 -18.36
C TYR A 338 -11.35 0.65 -19.53
N SER A 339 -12.49 -0.01 -19.31
CA SER A 339 -13.07 -0.85 -20.35
C SER A 339 -13.45 -0.03 -21.57
N LYS A 340 -13.71 1.26 -21.41
CA LYS A 340 -14.10 2.10 -22.54
C LYS A 340 -12.97 2.25 -23.55
N PHE A 341 -11.73 1.96 -23.14
CA PHE A 341 -10.58 2.16 -24.01
C PHE A 341 -10.16 0.90 -24.76
N LEU A 342 -10.77 -0.25 -24.47
CA LEU A 342 -10.51 -1.42 -25.27
C LEU A 342 -11.21 -1.26 -26.62
N SER A 343 -10.45 -1.40 -27.71
CA SER A 343 -10.94 -1.12 -29.04
C SER A 343 -11.33 -2.37 -29.83
N TYR A 344 -11.55 -3.47 -29.13
CA TYR A 344 -11.97 -4.73 -29.73
C TYR A 344 -12.86 -5.44 -28.72
N ASN A 345 -13.54 -6.49 -29.17
CA ASN A 345 -14.42 -7.26 -28.32
C ASN A 345 -13.69 -8.47 -27.75
N VAL A 346 -13.79 -8.64 -26.44
CA VAL A 346 -13.05 -9.69 -25.73
C VAL A 346 -13.73 -11.03 -25.90
N THR A 347 -12.90 -12.07 -26.05
CA THR A 347 -13.35 -13.46 -26.07
C THR A 347 -12.56 -14.27 -25.04
N ARG A 348 -13.28 -15.13 -24.32
CA ARG A 348 -12.67 -15.93 -23.25
C ARG A 348 -11.62 -16.87 -23.82
N ARG A 349 -10.43 -16.85 -23.21
CA ARG A 349 -9.35 -17.70 -23.65
C ARG A 349 -9.60 -19.15 -23.26
N LYS A 350 -9.24 -20.06 -24.16
CA LYS A 350 -9.36 -21.49 -23.87
C LYS A 350 -8.50 -21.85 -22.68
N GLY A 351 -9.07 -22.62 -21.76
CA GLY A 351 -8.36 -23.07 -20.60
C GLY A 351 -8.40 -22.15 -19.41
N TYR A 352 -9.03 -20.97 -19.53
CA TYR A 352 -9.16 -20.08 -18.38
C TYR A 352 -10.37 -20.52 -17.57
N ASP A 353 -10.13 -20.97 -16.35
CA ASP A 353 -11.23 -21.37 -15.49
C ASP A 353 -11.95 -20.14 -14.96
N GLN A 354 -13.21 -20.32 -14.60
CA GLN A 354 -13.97 -19.25 -13.98
C GLN A 354 -13.56 -19.10 -12.52
N ILE A 355 -13.49 -17.86 -12.06
CA ILE A 355 -13.29 -17.56 -10.65
C ILE A 355 -14.67 -17.46 -10.02
N ILE A 356 -14.99 -18.41 -9.16
CA ILE A 356 -16.25 -18.39 -8.42
C ILE A 356 -15.97 -17.88 -7.00
N PRO A 357 -17.00 -17.39 -6.31
CA PRO A 357 -18.41 -17.31 -6.69
C PRO A 357 -18.84 -15.90 -7.00
N GLY B 4 13.86 -9.41 -8.49
CA GLY B 4 13.53 -8.88 -7.17
C GLY B 4 13.40 -9.98 -6.14
N ASP B 5 13.49 -9.59 -4.86
CA ASP B 5 13.38 -10.56 -3.76
C ASP B 5 11.91 -10.66 -3.39
N GLN B 6 11.25 -11.70 -3.92
CA GLN B 6 9.83 -11.87 -3.71
C GLN B 6 9.51 -12.20 -2.25
N CYS B 7 10.53 -12.60 -1.47
CA CYS B 7 10.29 -12.89 -0.07
C CYS B 7 10.27 -11.66 0.82
N ALA B 8 10.68 -10.49 0.32
CA ALA B 8 10.84 -9.32 1.17
C ALA B 8 9.51 -8.88 1.79
N SER B 9 8.41 -9.11 1.10
CA SER B 9 7.09 -8.77 1.63
C SER B 9 6.40 -9.93 2.34
N SER B 10 7.14 -10.97 2.66
CA SER B 10 6.74 -12.00 3.62
C SER B 10 5.48 -12.74 3.19
N PRO B 11 5.53 -13.47 2.08
CA PRO B 11 4.34 -14.14 1.57
C PRO B 11 4.04 -15.49 2.21
N CYS B 12 4.86 -16.02 3.10
CA CYS B 12 4.63 -17.35 3.64
C CYS B 12 3.92 -17.23 4.98
N GLN B 13 2.75 -17.84 5.09
CA GLN B 13 1.90 -17.70 6.24
C GLN B 13 2.30 -18.63 7.37
N ASN B 14 1.75 -18.34 8.56
CA ASN B 14 1.73 -19.28 9.68
C ASN B 14 3.13 -19.68 10.11
N GLY B 15 4.05 -18.73 10.05
CA GLY B 15 5.38 -18.94 10.55
C GLY B 15 6.31 -19.64 9.59
N GLY B 16 5.90 -19.80 8.34
CA GLY B 16 6.75 -20.46 7.36
C GLY B 16 7.91 -19.57 6.94
N SER B 17 8.94 -20.22 6.40
CA SER B 17 10.11 -19.51 5.89
CA SER B 17 10.09 -19.49 5.89
C SER B 17 10.05 -19.46 4.37
N CYS B 18 10.74 -18.49 3.80
CA CYS B 18 10.65 -18.19 2.38
C CYS B 18 12.03 -18.27 1.76
N LYS B 19 12.11 -18.87 0.57
CA LYS B 19 13.33 -18.94 -0.21
C LYS B 19 13.07 -18.31 -1.57
N ASP B 20 13.85 -17.28 -1.90
CA ASP B 20 13.75 -16.63 -3.20
C ASP B 20 14.38 -17.53 -4.27
N GLN B 21 13.68 -17.69 -5.41
CA GLN B 21 14.16 -18.57 -6.47
C GLN B 21 13.74 -18.05 -7.83
N LEU B 22 14.69 -17.54 -8.61
CA LEU B 22 14.51 -17.25 -10.02
C LEU B 22 13.22 -16.49 -10.29
N GLN B 23 13.13 -15.29 -9.73
CA GLN B 23 11.99 -14.39 -9.89
C GLN B 23 10.71 -14.92 -9.25
N SER B 24 10.74 -16.08 -8.61
CA SER B 24 9.62 -16.56 -7.79
C SER B 24 10.16 -16.88 -6.40
N TYR B 25 9.46 -17.74 -5.68
CA TYR B 25 9.83 -18.09 -4.32
C TYR B 25 9.17 -19.40 -3.96
N ILE B 26 9.64 -20.02 -2.88
CA ILE B 26 8.96 -21.17 -2.29
C ILE B 26 8.84 -20.97 -0.78
N CYS B 27 7.78 -21.55 -0.21
CA CYS B 27 7.53 -21.48 1.22
C CYS B 27 7.76 -22.83 1.87
N PHE B 28 8.44 -22.80 3.03
CA PHE B 28 8.66 -23.99 3.85
C PHE B 28 7.83 -23.85 5.11
N CYS B 29 6.82 -24.71 5.23
CA CYS B 29 5.82 -24.58 6.26
C CYS B 29 6.25 -25.23 7.56
N LEU B 30 5.73 -24.70 8.66
CA LEU B 30 5.87 -25.39 9.92
C LEU B 30 5.07 -26.69 9.87
N PRO B 31 5.35 -27.64 10.77
CA PRO B 31 4.74 -28.96 10.67
C PRO B 31 3.22 -28.96 10.59
N ALA B 32 2.56 -27.99 11.20
CA ALA B 32 1.10 -28.02 11.28
C ALA B 32 0.42 -27.49 10.03
N PHE B 33 1.17 -27.01 9.04
CA PHE B 33 0.59 -26.26 7.92
C PHE B 33 1.11 -26.78 6.59
N GLU B 34 0.34 -26.52 5.53
CA GLU B 34 0.66 -26.96 4.18
C GLU B 34 0.10 -25.94 3.19
N GLY B 35 0.39 -26.17 1.92
CA GLY B 35 -0.06 -25.27 0.87
C GLY B 35 1.06 -24.40 0.34
N ARG B 36 0.81 -23.81 -0.83
CA ARG B 36 1.82 -23.01 -1.50
C ARG B 36 2.33 -21.88 -0.60
N ASN B 37 1.44 -21.30 0.20
CA ASN B 37 1.81 -20.23 1.13
C ASN B 37 1.61 -20.63 2.58
N CYS B 38 1.60 -21.93 2.88
CA CYS B 38 1.40 -22.41 4.25
C CYS B 38 0.08 -21.91 4.82
N GLU B 39 -0.92 -21.75 3.96
CA GLU B 39 -2.18 -21.15 4.34
C GLU B 39 -3.17 -22.15 4.95
N THR B 40 -2.88 -23.45 4.86
CA THR B 40 -3.85 -24.49 5.25
C THR B 40 -3.32 -25.25 6.45
N HIS B 41 -4.11 -25.29 7.53
CA HIS B 41 -3.76 -26.10 8.68
C HIS B 41 -4.07 -27.56 8.36
N LYS B 42 -3.19 -28.45 8.79
CA LYS B 42 -3.39 -29.88 8.58
C LYS B 42 -4.20 -30.46 9.73
#